data_8HRG
#
_entry.id   8HRG
#
_cell.length_a   1.00
_cell.length_b   1.00
_cell.length_c   1.00
_cell.angle_alpha   90.00
_cell.angle_beta   90.00
_cell.angle_gamma   90.00
#
_symmetry.space_group_name_H-M   'P 1'
#
_entity_poly.entity_id   1
_entity_poly.type   'polypeptide(L)'
_entity_poly.pdbx_seq_one_letter_code
;MSLQLLRNTRIFVSTVKTGHDTTNTQEILVQDDISWGQDSNSTDITVNEAGPRPTRGSKRFNDSLNAAEWSFSTYILPYE
DTTTGKQIVPDYMLWHALSSGKAIDLDGDTGAHNNATNFMVNFKDNAYHELAMLHIYILTDNAWSYIDSCQINQAEVNVD
IEDIGRVTWSGNGNQLIPLDEQPFDPDALGIDDETYMTIQSSYIKNKLTILKIKDMDSDKEYDIPITGGTFTINNNITYL
TPNIMSRVNIPIGSFTGAFELTGSLTAYLNDKSLGSMELYKDLVRTLKVVNRFEIALILGGEYDDERPAAVLVAKQAHVN
IPTIETDDVLGTSVEFKAIPTDLDTGDEGYLGFSNKYTKTTVANLIATGDGAETPPILVESITVKSAADATSVTNSDTLQ
MSVEVTPPEATNTAVTWSISSGDAATIDAESGLLTADVSKTGEVIVKAVAKDGSGVEGTKTITVSAGE
;
_entity_poly.pdbx_strand_id   D
#
# COMPACT_ATOMS: atom_id res chain seq x y z
N LEU A 3 -21.50 -19.93 17.57
CA LEU A 3 -20.14 -19.69 18.05
C LEU A 3 -19.24 -19.16 16.95
N GLN A 4 -18.50 -18.11 17.28
CA GLN A 4 -17.45 -17.58 16.42
C GLN A 4 -18.01 -17.05 15.10
N LEU A 5 -18.85 -16.01 15.19
CA LEU A 5 -19.36 -15.36 14.00
C LEU A 5 -18.23 -14.68 13.25
N LEU A 6 -18.40 -14.52 11.93
CA LEU A 6 -17.26 -14.17 11.09
C LEU A 6 -16.71 -12.77 11.40
N ARG A 7 -17.48 -11.72 11.12
CA ARG A 7 -16.88 -10.40 11.17
C ARG A 7 -16.85 -9.83 12.59
N ASN A 8 -17.36 -10.57 13.58
CA ASN A 8 -17.14 -10.13 14.95
C ASN A 8 -15.65 -9.98 15.28
N THR A 9 -14.78 -10.44 14.38
CA THR A 9 -13.35 -10.13 14.47
C THR A 9 -13.14 -8.63 14.45
N ARG A 10 -12.18 -8.17 15.23
CA ARG A 10 -11.72 -6.79 15.19
C ARG A 10 -10.20 -6.80 15.14
N ILE A 11 -9.64 -5.74 14.54
CA ILE A 11 -8.21 -5.70 14.26
C ILE A 11 -7.59 -4.49 14.93
N PHE A 12 -6.46 -4.71 15.60
CA PHE A 12 -5.69 -3.64 16.20
C PHE A 12 -4.23 -3.77 15.76
N VAL A 13 -3.55 -2.64 15.70
CA VAL A 13 -2.13 -2.60 15.37
C VAL A 13 -1.41 -1.81 16.46
N SER A 14 -0.27 -2.35 16.89
CA SER A 14 0.46 -1.75 17.99
C SER A 14 1.95 -1.74 17.67
N THR A 15 2.63 -0.70 18.16
CA THR A 15 4.08 -0.64 18.05
C THR A 15 4.76 -1.56 19.06
N VAL A 16 4.18 -1.71 20.24
CA VAL A 16 4.76 -2.50 21.32
C VAL A 16 3.68 -3.39 21.91
N LYS A 17 4.10 -4.41 22.64
CA LYS A 17 3.20 -5.43 23.16
C LYS A 17 2.63 -5.05 24.53
N THR A 18 3.09 -3.96 25.13
CA THR A 18 2.60 -3.55 26.45
C THR A 18 2.31 -2.06 26.41
N GLY A 19 1.62 -1.59 27.44
CA GLY A 19 1.29 -0.17 27.55
C GLY A 19 0.40 0.33 26.44
N HIS A 20 -0.67 -0.40 26.14
CA HIS A 20 -1.53 -0.06 25.02
C HIS A 20 -2.34 1.19 25.33
N ASP A 21 -2.36 2.13 24.39
CA ASP A 21 -3.18 3.32 24.51
C ASP A 21 -3.52 3.84 23.11
N THR A 22 -4.11 5.02 23.07
CA THR A 22 -4.52 5.62 21.80
C THR A 22 -3.35 6.11 20.98
N THR A 23 -2.15 6.12 21.53
CA THR A 23 -0.96 6.62 20.82
C THR A 23 -0.10 5.53 20.22
N ASN A 24 0.05 4.39 20.90
CA ASN A 24 0.84 3.29 20.36
C ASN A 24 -0.01 2.17 19.78
N THR A 25 -1.32 2.22 19.96
CA THR A 25 -2.23 1.23 19.41
C THR A 25 -3.35 1.93 18.64
N GLN A 26 -3.83 1.27 17.60
CA GLN A 26 -4.92 1.82 16.81
C GLN A 26 -5.77 0.71 16.22
N GLU A 27 -7.08 0.88 16.27
CA GLU A 27 -8.01 -0.01 15.59
C GLU A 27 -8.31 0.51 14.20
N ILE A 28 -8.38 -0.40 13.24
CA ILE A 28 -8.62 -0.04 11.84
C ILE A 28 -9.83 -0.80 11.32
N LEU A 29 -10.60 -0.11 10.48
CA LEU A 29 -11.72 -0.76 9.81
C LEU A 29 -11.20 -1.76 8.79
N VAL A 30 -11.94 -2.85 8.63
CA VAL A 30 -11.54 -3.93 7.75
C VAL A 30 -12.70 -4.30 6.84
N GLN A 31 -12.38 -4.88 5.68
CA GLN A 31 -13.40 -5.35 4.76
C GLN A 31 -13.74 -6.80 5.06
N ASP A 32 -14.48 -7.43 4.15
CA ASP A 32 -14.96 -8.79 4.38
C ASP A 32 -13.85 -9.81 4.17
N ASP A 33 -13.02 -9.62 3.15
CA ASP A 33 -12.12 -10.67 2.68
C ASP A 33 -10.80 -10.73 3.43
N ILE A 34 -10.75 -10.28 4.68
CA ILE A 34 -9.54 -10.36 5.50
C ILE A 34 -9.08 -11.80 5.58
N SER A 35 -7.76 -12.02 5.50
CA SER A 35 -7.22 -13.37 5.50
C SER A 35 -5.94 -13.39 6.29
N TRP A 36 -5.67 -14.54 6.92
CA TRP A 36 -4.43 -14.75 7.64
C TRP A 36 -4.24 -16.25 7.83
N GLY A 37 -2.99 -16.65 7.94
CA GLY A 37 -2.68 -18.07 8.09
C GLY A 37 -1.20 -18.29 8.28
N GLN A 38 -0.85 -19.54 8.57
CA GLN A 38 0.53 -19.94 8.77
C GLN A 38 0.69 -21.39 8.31
N ASP A 39 1.76 -21.65 7.58
CA ASP A 39 1.98 -22.95 6.95
C ASP A 39 3.30 -23.55 7.41
N SER A 40 3.46 -24.85 7.14
CA SER A 40 4.65 -25.60 7.54
C SER A 40 5.11 -26.47 6.39
N ASN A 41 6.40 -26.79 6.38
CA ASN A 41 7.00 -27.61 5.35
C ASN A 41 7.05 -29.07 5.78
N SER A 42 6.98 -29.96 4.78
CA SER A 42 7.01 -31.39 5.04
C SER A 42 7.95 -32.06 4.05
N THR A 43 8.50 -33.20 4.46
CA THR A 43 9.44 -33.93 3.62
C THR A 43 9.17 -35.41 3.76
N ASP A 44 9.02 -36.09 2.61
CA ASP A 44 8.75 -37.52 2.57
C ASP A 44 10.03 -38.26 2.18
N ILE A 45 10.38 -39.28 2.96
CA ILE A 45 11.52 -40.14 2.66
C ILE A 45 11.01 -41.56 2.54
N THR A 46 11.47 -42.26 1.49
CA THR A 46 11.08 -43.63 1.25
C THR A 46 12.29 -44.39 0.72
N VAL A 47 12.20 -45.71 0.76
CA VAL A 47 13.29 -46.58 0.36
C VAL A 47 12.81 -47.50 -0.75
N ASN A 48 13.70 -47.77 -1.70
CA ASN A 48 13.43 -48.72 -2.77
C ASN A 48 14.53 -49.78 -2.77
N GLU A 49 14.11 -51.04 -2.84
CA GLU A 49 15.02 -52.16 -2.74
C GLU A 49 14.75 -53.17 -3.86
N ALA A 50 15.82 -53.77 -4.36
CA ALA A 50 15.73 -54.84 -5.35
C ALA A 50 15.96 -56.17 -4.65
N GLY A 51 14.86 -56.85 -4.33
CA GLY A 51 14.92 -58.11 -3.63
C GLY A 51 13.66 -58.92 -3.81
N PRO A 52 13.54 -60.03 -3.09
CA PRO A 52 12.34 -60.87 -3.21
C PRO A 52 11.22 -60.47 -2.28
N ARG A 53 11.48 -59.64 -1.27
CA ARG A 53 10.48 -59.34 -0.25
C ARG A 53 10.40 -57.82 -0.17
N PRO A 54 9.74 -57.18 -1.12
CA PRO A 54 9.77 -55.71 -1.19
C PRO A 54 9.00 -55.09 -0.03
N THR A 55 9.42 -53.88 0.32
CA THR A 55 8.88 -53.20 1.50
C THR A 55 8.35 -51.81 1.15
N ARG A 56 7.84 -51.13 2.18
CA ARG A 56 7.34 -49.76 2.06
C ARG A 56 8.08 -48.74 2.90
N GLY A 57 8.38 -49.06 4.17
CA GLY A 57 8.35 -48.07 5.24
C GLY A 57 8.81 -46.68 4.85
N SER A 58 7.96 -45.71 5.15
CA SER A 58 8.21 -44.31 4.86
C SER A 58 7.77 -43.47 6.04
N LYS A 59 8.55 -42.44 6.34
CA LYS A 59 8.32 -41.58 7.50
C LYS A 59 8.53 -40.13 7.11
N ARG A 60 7.47 -39.33 7.13
CA ARG A 60 7.68 -37.91 6.94
C ARG A 60 7.92 -37.22 8.27
N PHE A 61 8.67 -36.11 8.21
CA PHE A 61 9.02 -35.35 9.39
C PHE A 61 8.70 -33.88 9.12
N ASN A 62 8.19 -33.20 10.14
CA ASN A 62 8.02 -31.76 10.03
C ASN A 62 9.39 -31.09 9.97
N ASP A 63 9.53 -30.12 9.06
CA ASP A 63 10.81 -29.48 8.85
C ASP A 63 10.89 -28.09 9.47
N SER A 64 9.98 -27.19 9.10
CA SER A 64 10.05 -25.82 9.58
C SER A 64 8.73 -25.13 9.29
N LEU A 65 8.63 -23.90 9.77
CA LEU A 65 7.45 -23.08 9.55
C LEU A 65 7.75 -21.97 8.56
N ASN A 66 6.85 -21.77 7.61
CA ASN A 66 6.96 -20.63 6.72
C ASN A 66 6.50 -19.37 7.45
N ALA A 67 6.88 -18.22 6.90
CA ALA A 67 6.44 -16.96 7.48
C ALA A 67 4.93 -16.84 7.38
N ALA A 68 4.30 -16.49 8.49
CA ALA A 68 2.85 -16.35 8.53
C ALA A 68 2.41 -15.21 7.61
N GLU A 69 1.36 -15.47 6.84
CA GLU A 69 0.84 -14.52 5.87
C GLU A 69 -0.42 -13.86 6.42
N TRP A 70 -0.60 -12.59 6.09
CA TRP A 70 -1.80 -11.86 6.46
C TRP A 70 -2.08 -10.79 5.42
N SER A 71 -3.36 -10.43 5.28
CA SER A 71 -3.75 -9.44 4.29
C SER A 71 -5.19 -9.00 4.54
N PHE A 72 -5.49 -7.78 4.11
CA PHE A 72 -6.86 -7.27 4.14
C PHE A 72 -6.95 -6.06 3.23
N SER A 73 -8.06 -5.33 3.36
CA SER A 73 -8.29 -4.12 2.59
C SER A 73 -9.05 -3.11 3.41
N THR A 74 -8.91 -1.84 3.04
CA THR A 74 -9.62 -0.76 3.73
C THR A 74 -9.78 0.44 2.80
N TYR A 75 -10.74 1.29 3.15
CA TYR A 75 -11.00 2.48 2.36
C TYR A 75 -10.02 3.59 2.73
N ILE A 76 -9.73 4.44 1.75
CA ILE A 76 -8.99 5.67 1.99
C ILE A 76 -9.90 6.62 2.74
N LEU A 77 -9.38 7.26 3.79
CA LEU A 77 -10.24 7.94 4.75
C LEU A 77 -9.49 9.06 5.47
N PRO A 78 -9.50 10.27 4.91
CA PRO A 78 -8.90 11.41 5.59
C PRO A 78 -9.91 12.16 6.43
N TYR A 79 -9.48 12.62 7.59
CA TYR A 79 -10.32 13.44 8.45
C TYR A 79 -9.44 14.28 9.37
N GLU A 80 -10.01 15.35 9.91
CA GLU A 80 -9.25 16.24 10.77
C GLU A 80 -9.29 15.76 12.21
N ASP A 81 -8.12 15.67 12.83
CA ASP A 81 -8.04 15.35 14.25
C ASP A 81 -8.30 16.62 15.07
N THR A 82 -9.26 16.53 16.00
CA THR A 82 -9.58 17.67 16.84
C THR A 82 -8.44 18.05 17.76
N THR A 83 -7.57 17.09 18.11
CA THR A 83 -6.49 17.38 19.04
C THR A 83 -5.46 18.32 18.43
N THR A 84 -5.01 18.01 17.20
CA THR A 84 -3.96 18.79 16.56
C THR A 84 -4.48 19.72 15.48
N GLY A 85 -5.72 19.58 15.06
CA GLY A 85 -6.23 20.38 13.96
C GLY A 85 -5.54 20.08 12.64
N LYS A 86 -5.18 18.83 12.40
CA LYS A 86 -4.47 18.42 11.21
C LYS A 86 -5.14 17.22 10.58
N GLN A 87 -4.98 17.09 9.26
CA GLN A 87 -5.53 15.95 8.56
C GLN A 87 -4.78 14.69 8.92
N ILE A 88 -5.50 13.57 8.98
CA ILE A 88 -4.97 12.30 9.45
C ILE A 88 -5.89 11.20 8.94
N VAL A 89 -5.36 9.98 8.87
CA VAL A 89 -6.14 8.82 8.46
C VAL A 89 -6.06 7.79 9.58
N PRO A 90 -7.08 6.95 9.77
CA PRO A 90 -7.07 6.03 10.92
C PRO A 90 -5.87 5.07 10.91
N ASP A 91 -5.41 4.70 9.72
CA ASP A 91 -4.41 3.66 9.54
C ASP A 91 -3.02 4.23 9.30
N TYR A 92 -2.72 5.41 9.85
CA TYR A 92 -1.48 6.11 9.52
C TYR A 92 -0.28 5.46 10.21
N MET A 93 -0.53 4.65 11.23
CA MET A 93 0.53 3.80 11.76
C MET A 93 1.15 2.92 10.69
N LEU A 94 0.33 2.23 9.90
CA LEU A 94 0.89 1.32 8.91
C LEU A 94 1.55 2.10 7.78
N TRP A 95 1.02 3.27 7.46
CA TRP A 95 1.67 4.13 6.47
C TRP A 95 3.06 4.53 6.95
N HIS A 96 3.18 4.88 8.23
CA HIS A 96 4.51 5.18 8.78
C HIS A 96 5.40 3.96 8.72
N ALA A 97 4.85 2.79 9.04
CA ALA A 97 5.64 1.56 9.01
C ALA A 97 6.19 1.30 7.61
N LEU A 98 5.36 1.49 6.59
CA LEU A 98 5.84 1.37 5.22
C LEU A 98 6.77 2.51 4.85
N SER A 99 6.67 3.65 5.55
CA SER A 99 7.45 4.83 5.21
C SER A 99 8.91 4.69 5.62
N SER A 100 9.16 4.22 6.85
CA SER A 100 10.52 4.17 7.35
C SER A 100 10.61 3.16 8.48
N GLY A 101 11.84 2.82 8.85
CA GLY A 101 12.09 1.89 9.93
C GLY A 101 12.46 2.56 11.23
N LYS A 102 12.15 3.84 11.37
CA LYS A 102 12.48 4.58 12.58
C LYS A 102 11.20 5.10 13.23
N ALA A 103 11.38 5.90 14.27
CA ALA A 103 10.27 6.29 15.13
C ALA A 103 9.28 7.20 14.41
N ILE A 104 8.06 7.23 14.92
CA ILE A 104 7.03 8.10 14.36
C ILE A 104 7.32 9.56 14.65
N ASP A 105 7.18 10.40 13.62
CA ASP A 105 7.24 11.85 13.78
C ASP A 105 6.42 12.45 12.64
N LEU A 106 5.15 12.77 12.93
CA LEU A 106 4.27 13.29 11.90
C LEU A 106 4.53 14.76 11.59
N ASP A 107 5.61 15.34 12.12
CA ASP A 107 5.96 16.73 11.87
C ASP A 107 7.35 16.90 11.28
N GLY A 108 8.15 15.84 11.22
CA GLY A 108 9.49 15.90 10.68
C GLY A 108 9.60 15.85 9.18
N ASP A 109 8.47 15.72 8.48
CA ASP A 109 8.39 15.75 7.02
C ASP A 109 8.99 14.49 6.39
N THR A 110 9.62 13.65 7.20
CA THR A 110 10.20 12.43 6.66
C THR A 110 9.17 11.31 6.71
N GLY A 111 9.13 10.50 5.65
CA GLY A 111 8.16 9.44 5.55
C GLY A 111 6.75 9.97 5.51
N ALA A 112 6.01 9.77 6.60
CA ALA A 112 4.64 10.25 6.73
C ALA A 112 4.59 11.45 7.64
N HIS A 113 3.82 12.46 7.24
CA HIS A 113 3.69 13.70 8.01
C HIS A 113 2.38 14.35 7.63
N ASN A 114 2.06 15.46 8.30
CA ASN A 114 0.83 16.18 8.04
C ASN A 114 0.96 17.63 8.49
N ASN A 115 -0.04 18.42 8.12
CA ASN A 115 -0.17 19.78 8.58
C ASN A 115 -1.66 20.08 8.70
N ALA A 116 -2.01 21.35 8.86
CA ALA A 116 -3.40 21.74 9.03
C ALA A 116 -4.23 21.52 7.77
N THR A 117 -3.61 21.25 6.63
CA THR A 117 -4.33 21.16 5.37
C THR A 117 -4.46 19.74 4.84
N ASN A 118 -3.43 18.90 5.00
CA ASN A 118 -3.41 17.63 4.31
C ASN A 118 -2.37 16.70 4.93
N PHE A 119 -2.39 15.45 4.49
CA PHE A 119 -1.47 14.41 4.95
C PHE A 119 -0.60 13.96 3.79
N MET A 120 0.69 13.83 4.03
CA MET A 120 1.64 13.48 2.99
C MET A 120 2.46 12.27 3.41
N VAL A 121 2.88 11.50 2.42
CA VAL A 121 3.75 10.35 2.62
C VAL A 121 4.86 10.40 1.57
N ASN A 122 6.09 10.14 2.02
CA ASN A 122 7.25 10.12 1.15
C ASN A 122 8.10 8.90 1.49
N PHE A 123 9.11 8.64 0.65
CA PHE A 123 10.02 7.52 0.84
C PHE A 123 11.48 7.97 0.95
N LYS A 124 11.75 9.02 1.71
CA LYS A 124 13.11 9.56 1.77
C LYS A 124 14.04 8.67 2.59
N ASP A 125 13.55 8.15 3.71
CA ASP A 125 14.38 7.41 4.66
C ASP A 125 13.88 5.99 4.88
N ASN A 126 13.66 5.25 3.80
CA ASN A 126 13.13 3.90 3.94
C ASN A 126 14.13 2.79 3.60
N ALA A 127 15.26 3.12 2.98
CA ALA A 127 16.19 2.09 2.50
C ALA A 127 16.96 1.51 3.66
N TYR A 128 16.41 0.45 4.25
CA TYR A 128 17.03 -0.25 5.36
C TYR A 128 17.12 -1.74 5.05
N HIS A 129 17.83 -2.48 5.89
CA HIS A 129 17.80 -3.93 5.84
C HIS A 129 16.60 -4.50 6.55
N GLU A 130 15.95 -3.70 7.40
CA GLU A 130 14.75 -4.11 8.12
C GLU A 130 13.72 -3.01 7.95
N LEU A 131 12.69 -3.07 8.77
CA LEU A 131 11.63 -2.07 8.77
C LEU A 131 11.07 -1.93 10.17
N ALA A 132 10.27 -0.90 10.38
CA ALA A 132 9.59 -0.68 11.66
C ALA A 132 8.78 -1.92 11.99
N MET A 133 9.13 -2.59 13.09
CA MET A 133 8.46 -3.84 13.45
C MET A 133 7.20 -3.54 14.25
N LEU A 134 6.07 -4.02 13.73
CA LEU A 134 4.77 -3.78 14.32
C LEU A 134 4.17 -5.08 14.84
N HIS A 135 2.96 -5.00 15.39
CA HIS A 135 2.25 -6.15 15.91
C HIS A 135 0.77 -6.04 15.56
N ILE A 136 0.19 -7.14 15.10
CA ILE A 136 -1.20 -7.19 14.68
C ILE A 136 -1.96 -8.09 15.66
N TYR A 137 -3.06 -7.57 16.20
CA TYR A 137 -3.92 -8.31 17.11
C TYR A 137 -5.28 -8.50 16.46
N ILE A 138 -5.73 -9.75 16.43
CA ILE A 138 -7.03 -10.13 15.90
C ILE A 138 -7.89 -10.63 17.05
N LEU A 139 -9.16 -10.22 17.04
CA LEU A 139 -10.07 -10.49 18.14
C LEU A 139 -11.34 -11.15 17.62
N THR A 140 -11.77 -12.21 18.29
CA THR A 140 -13.03 -12.85 18.01
C THR A 140 -13.78 -13.00 19.33
N ASP A 141 -15.03 -13.46 19.24
CA ASP A 141 -15.86 -13.59 20.42
C ASP A 141 -15.18 -14.49 21.45
N ASN A 142 -14.75 -13.89 22.55
CA ASN A 142 -14.03 -14.54 23.64
C ASN A 142 -12.77 -15.25 23.16
N ALA A 143 -12.01 -14.66 22.24
CA ALA A 143 -10.75 -15.24 21.79
C ALA A 143 -9.84 -14.16 21.21
N TRP A 144 -8.54 -14.33 21.42
CA TRP A 144 -7.55 -13.37 20.95
C TRP A 144 -6.42 -14.11 20.26
N SER A 145 -5.86 -13.50 19.21
CA SER A 145 -4.65 -14.03 18.60
C SER A 145 -3.84 -12.86 18.07
N TYR A 146 -2.57 -13.11 17.79
CA TYR A 146 -1.72 -12.02 17.30
C TYR A 146 -0.58 -12.57 16.47
N ILE A 147 -0.05 -11.70 15.62
CA ILE A 147 1.08 -12.01 14.76
C ILE A 147 2.34 -11.40 15.37
N ASP A 148 3.37 -12.21 15.52
CA ASP A 148 4.61 -11.75 16.12
C ASP A 148 5.52 -11.17 15.04
N SER A 149 5.96 -9.93 15.24
CA SER A 149 6.93 -9.28 14.36
C SER A 149 6.44 -9.22 12.91
N CYS A 150 5.22 -8.73 12.73
CA CYS A 150 4.68 -8.58 11.39
C CYS A 150 5.36 -7.41 10.67
N GLN A 151 5.53 -7.55 9.37
CA GLN A 151 6.09 -6.50 8.54
C GLN A 151 5.25 -6.36 7.27
N ILE A 152 5.03 -5.11 6.85
CA ILE A 152 4.27 -4.89 5.63
C ILE A 152 5.14 -5.20 4.41
N ASN A 153 4.52 -5.80 3.40
CA ASN A 153 5.23 -6.06 2.15
C ASN A 153 4.63 -5.34 0.97
N GLN A 154 3.33 -5.53 0.72
CA GLN A 154 2.75 -5.07 -0.53
C GLN A 154 1.48 -4.27 -0.28
N ALA A 155 1.34 -3.17 -1.01
CA ALA A 155 0.14 -2.35 -1.02
C ALA A 155 -0.29 -2.13 -2.46
N GLU A 156 -1.59 -2.21 -2.70
CA GLU A 156 -2.12 -2.02 -4.04
C GLU A 156 -3.33 -1.11 -3.98
N VAL A 157 -3.47 -0.27 -5.02
CA VAL A 157 -4.63 0.60 -5.16
C VAL A 157 -5.19 0.43 -6.56
N ASN A 158 -6.48 0.16 -6.65
CA ASN A 158 -7.17 -0.01 -7.91
C ASN A 158 -8.10 1.19 -8.13
N VAL A 159 -7.77 2.02 -9.11
CA VAL A 159 -8.66 3.12 -9.50
C VAL A 159 -9.71 2.53 -10.42
N ASP A 160 -10.84 2.17 -9.82
CA ASP A 160 -11.97 1.66 -10.57
C ASP A 160 -12.88 2.78 -11.02
N ILE A 161 -13.62 2.53 -12.11
CA ILE A 161 -14.59 3.50 -12.60
C ILE A 161 -15.83 3.58 -11.72
N GLU A 162 -16.25 2.47 -11.12
CA GLU A 162 -17.52 2.46 -10.40
C GLU A 162 -17.37 2.24 -8.91
N ASP A 163 -16.47 1.36 -8.48
CA ASP A 163 -16.35 1.03 -7.07
C ASP A 163 -15.65 2.16 -6.32
N ILE A 164 -15.93 2.24 -5.02
CA ILE A 164 -15.25 3.21 -4.16
C ILE A 164 -13.77 2.89 -4.11
N GLY A 165 -12.95 3.94 -3.99
CA GLY A 165 -11.52 3.73 -3.85
C GLY A 165 -11.19 2.94 -2.60
N ARG A 166 -10.22 2.05 -2.72
CA ARG A 166 -9.79 1.20 -1.62
C ARG A 166 -8.32 0.88 -1.78
N VAL A 167 -7.71 0.38 -0.70
CA VAL A 167 -6.34 -0.10 -0.71
C VAL A 167 -6.33 -1.51 -0.16
N THR A 168 -5.44 -2.33 -0.73
CA THR A 168 -5.27 -3.72 -0.32
C THR A 168 -3.86 -3.91 0.18
N TRP A 169 -3.73 -4.48 1.37
CA TRP A 169 -2.46 -4.60 2.06
C TRP A 169 -2.17 -6.05 2.39
N SER A 170 -0.91 -6.46 2.22
CA SER A 170 -0.48 -7.81 2.50
C SER A 170 0.91 -7.78 3.12
N GLY A 171 1.12 -8.68 4.06
CA GLY A 171 2.40 -8.75 4.74
C GLY A 171 2.60 -10.08 5.41
N ASN A 172 3.75 -10.20 6.07
CA ASN A 172 4.16 -11.45 6.69
C ASN A 172 4.70 -11.18 8.09
N GLY A 173 4.78 -12.25 8.87
CA GLY A 173 5.28 -12.18 10.23
C GLY A 173 5.95 -13.48 10.60
N ASN A 174 6.62 -13.47 11.75
CA ASN A 174 7.35 -14.66 12.19
C ASN A 174 6.40 -15.79 12.54
N GLN A 175 5.37 -15.51 13.33
CA GLN A 175 4.54 -16.58 13.85
C GLN A 175 3.14 -16.05 14.15
N LEU A 176 2.17 -16.97 14.15
CA LEU A 176 0.81 -16.70 14.57
C LEU A 176 0.58 -17.40 15.91
N ILE A 177 0.22 -16.62 16.94
CA ILE A 177 0.10 -17.19 18.27
C ILE A 177 -1.23 -16.78 18.90
N PRO A 178 -2.01 -17.72 19.41
CA PRO A 178 -3.21 -17.36 20.18
C PRO A 178 -2.84 -16.87 21.57
N LEU A 179 -3.77 -16.17 22.18
CA LEU A 179 -3.56 -15.59 23.51
C LEU A 179 -4.61 -16.12 24.47
N ASP A 180 -4.20 -16.34 25.71
CA ASP A 180 -5.04 -16.96 26.71
C ASP A 180 -6.11 -16.03 27.25
N GLU A 181 -5.89 -14.72 27.24
CA GLU A 181 -6.82 -13.80 27.88
C GLU A 181 -6.84 -12.48 27.11
N GLN A 182 -7.69 -11.59 27.57
CA GLN A 182 -7.84 -10.26 26.99
C GLN A 182 -6.64 -9.38 27.34
N PRO A 183 -5.85 -8.94 26.37
CA PRO A 183 -4.63 -8.20 26.69
C PRO A 183 -4.85 -6.72 26.98
N PHE A 184 -5.79 -6.09 26.28
CA PHE A 184 -6.02 -4.66 26.42
C PHE A 184 -7.47 -4.37 26.10
N ASP A 185 -7.92 -3.18 26.50
CA ASP A 185 -9.31 -2.81 26.38
C ASP A 185 -9.74 -2.84 24.92
N PRO A 186 -10.79 -3.60 24.58
CA PRO A 186 -11.24 -3.66 23.18
C PRO A 186 -12.01 -2.43 22.74
N ASP A 187 -12.59 -1.67 23.66
CA ASP A 187 -13.46 -0.57 23.31
C ASP A 187 -12.87 0.79 23.63
N ALA A 188 -12.08 0.91 24.70
CA ALA A 188 -11.53 2.20 25.08
C ALA A 188 -10.57 2.73 24.01
N LEU A 189 -9.76 1.85 23.43
CA LEU A 189 -8.77 2.26 22.44
C LEU A 189 -9.33 2.27 21.01
N GLY A 190 -10.58 1.86 20.83
CA GLY A 190 -11.16 1.82 19.50
C GLY A 190 -11.66 3.18 19.04
N ILE A 191 -12.26 3.18 17.85
CA ILE A 191 -12.84 4.40 17.32
C ILE A 191 -14.10 4.77 18.11
N ASP A 192 -14.55 6.01 17.93
CA ASP A 192 -15.72 6.51 18.63
C ASP A 192 -16.75 7.01 17.63
N ASP A 193 -17.96 7.24 18.14
CA ASP A 193 -19.11 7.52 17.27
C ASP A 193 -18.96 8.82 16.52
N GLU A 194 -18.51 9.89 17.21
CA GLU A 194 -18.38 11.18 16.56
C GLU A 194 -17.33 11.14 15.46
N THR A 195 -16.26 10.36 15.67
CA THR A 195 -15.27 10.16 14.62
C THR A 195 -15.94 9.61 13.37
N TYR A 196 -16.75 8.56 13.52
CA TYR A 196 -17.40 7.95 12.37
C TYR A 196 -18.43 8.89 11.74
N MET A 197 -19.06 9.72 12.56
CA MET A 197 -19.95 10.73 12.01
C MET A 197 -19.20 11.70 11.11
N THR A 198 -17.99 12.10 11.52
CA THR A 198 -17.14 12.88 10.63
C THR A 198 -16.71 12.07 9.42
N ILE A 199 -16.49 10.76 9.62
CA ILE A 199 -16.04 9.88 8.56
C ILE A 199 -17.04 9.81 7.41
N GLN A 200 -18.33 9.69 7.74
CA GLN A 200 -19.35 9.46 6.72
C GLN A 200 -19.34 10.50 5.59
N SER A 201 -18.64 11.62 5.75
CA SER A 201 -18.49 12.58 4.67
C SER A 201 -17.13 12.52 4.00
N SER A 202 -16.24 11.64 4.43
CA SER A 202 -14.87 11.61 3.96
C SER A 202 -14.61 10.60 2.85
N TYR A 203 -15.66 9.93 2.35
CA TYR A 203 -15.47 8.97 1.27
C TYR A 203 -15.05 9.68 -0.01
N ILE A 204 -14.37 8.92 -0.88
CA ILE A 204 -13.85 9.44 -2.14
C ILE A 204 -14.83 9.04 -3.24
N LYS A 205 -15.33 10.03 -3.97
CA LYS A 205 -16.19 9.78 -5.12
C LYS A 205 -15.29 9.37 -6.28
N ASN A 206 -15.14 8.06 -6.48
CA ASN A 206 -14.04 7.52 -7.27
C ASN A 206 -14.09 7.95 -8.73
N LYS A 207 -15.28 8.00 -9.35
CA LYS A 207 -15.35 8.21 -10.78
C LYS A 207 -14.80 9.56 -11.21
N LEU A 208 -14.64 10.50 -10.29
CA LEU A 208 -14.13 11.82 -10.64
C LEU A 208 -12.63 11.85 -10.87
N THR A 209 -11.93 10.75 -10.61
CA THR A 209 -10.47 10.72 -10.69
C THR A 209 -9.99 11.20 -12.04
N ILE A 210 -8.93 12.02 -12.03
CA ILE A 210 -8.41 12.64 -13.25
C ILE A 210 -6.92 12.34 -13.38
N LEU A 211 -6.43 12.40 -14.61
CA LEU A 211 -5.05 12.09 -14.95
C LEU A 211 -4.40 13.28 -15.65
N LYS A 212 -3.14 13.53 -15.33
CA LYS A 212 -2.36 14.53 -16.03
C LYS A 212 -0.98 13.98 -16.37
N ILE A 213 -0.50 14.33 -17.56
CA ILE A 213 0.77 13.84 -18.08
C ILE A 213 1.56 15.02 -18.63
N LYS A 214 2.86 15.02 -18.40
CA LYS A 214 3.73 16.06 -18.95
C LYS A 214 5.03 15.43 -19.43
N ASP A 215 5.48 15.84 -20.60
CA ASP A 215 6.73 15.34 -21.17
C ASP A 215 7.90 16.15 -20.63
N MET A 216 8.97 15.46 -20.23
CA MET A 216 10.17 16.12 -19.74
C MET A 216 11.18 16.41 -20.82
N ASP A 217 10.91 16.07 -22.08
CA ASP A 217 11.82 16.34 -23.17
C ASP A 217 11.41 17.57 -23.96
N SER A 218 10.18 17.55 -24.49
CA SER A 218 9.68 18.65 -25.30
C SER A 218 8.70 19.55 -24.54
N ASP A 219 8.58 19.37 -23.23
CA ASP A 219 7.65 20.11 -22.38
C ASP A 219 6.20 19.93 -22.84
N LYS A 220 5.90 18.84 -23.53
CA LYS A 220 4.56 18.63 -24.07
C LYS A 220 3.64 18.07 -23.00
N GLU A 221 2.35 18.39 -23.11
CA GLU A 221 1.32 17.90 -22.21
C GLU A 221 0.15 17.38 -23.02
N TYR A 222 -0.60 16.46 -22.40
CA TYR A 222 -1.75 15.84 -23.04
C TYR A 222 -2.92 15.79 -22.08
N ASP A 223 -4.12 15.76 -22.65
CA ASP A 223 -5.35 15.57 -21.90
C ASP A 223 -5.85 14.15 -22.16
N ILE A 224 -5.86 13.32 -21.12
CA ILE A 224 -6.14 11.90 -21.31
C ILE A 224 -7.29 11.46 -20.41
N PRO A 225 -8.52 11.39 -20.92
CA PRO A 225 -9.57 10.67 -20.21
C PRO A 225 -9.20 9.20 -20.06
N ILE A 226 -9.57 8.61 -18.92
CA ILE A 226 -9.08 7.29 -18.56
C ILE A 226 -10.25 6.35 -18.25
N THR A 227 -9.96 5.06 -18.28
CA THR A 227 -10.93 4.01 -17.99
C THR A 227 -10.48 3.10 -16.85
N GLY A 228 -9.96 3.67 -15.78
CA GLY A 228 -9.52 2.89 -14.65
C GLY A 228 -8.10 2.38 -14.83
N GLY A 229 -7.58 1.80 -13.74
CA GLY A 229 -6.22 1.32 -13.75
C GLY A 229 -5.80 0.90 -12.35
N THR A 230 -4.51 0.65 -12.20
CA THR A 230 -3.98 0.19 -10.92
C THR A 230 -2.61 0.81 -10.67
N PHE A 231 -2.19 0.79 -9.41
CA PHE A 231 -0.78 0.98 -9.10
C PHE A 231 -0.47 0.22 -7.82
N THR A 232 0.81 -0.11 -7.67
CA THR A 232 1.24 -1.05 -6.64
C THR A 232 2.61 -0.68 -6.10
N ILE A 233 2.74 -0.76 -4.78
CA ILE A 233 4.02 -0.64 -4.10
C ILE A 233 4.35 -2.00 -3.49
N ASN A 234 5.58 -2.45 -3.70
CA ASN A 234 6.04 -3.76 -3.24
C ASN A 234 7.27 -3.54 -2.38
N ASN A 235 7.69 -4.57 -1.65
CA ASN A 235 8.90 -4.50 -0.85
C ASN A 235 9.83 -5.68 -1.04
N ASN A 236 9.36 -6.80 -1.58
CA ASN A 236 10.18 -7.98 -1.81
C ASN A 236 10.85 -8.45 -0.52
N ILE A 237 10.04 -8.64 0.53
CA ILE A 237 10.60 -9.12 1.79
C ILE A 237 11.04 -10.57 1.63
N THR A 238 12.04 -10.97 2.41
CA THR A 238 12.50 -12.35 2.41
C THR A 238 12.75 -12.75 3.85
N TYR A 239 12.57 -14.04 4.14
CA TYR A 239 12.75 -14.55 5.49
C TYR A 239 13.87 -15.58 5.52
N LEU A 240 14.72 -15.48 6.54
CA LEU A 240 15.84 -16.38 6.72
C LEU A 240 15.51 -17.46 7.73
N THR A 241 16.06 -18.65 7.52
CA THR A 241 15.73 -19.78 8.38
C THR A 241 16.85 -20.80 8.43
N PRO A 242 17.49 -20.99 9.59
CA PRO A 242 18.42 -22.11 9.75
C PRO A 242 17.69 -23.43 9.68
N ASN A 243 18.44 -24.50 9.40
CA ASN A 243 17.83 -25.80 9.16
C ASN A 243 18.43 -26.83 10.11
N ILE A 244 17.90 -26.82 11.33
CA ILE A 244 18.07 -27.92 12.28
C ILE A 244 16.77 -28.71 12.23
N MET A 245 16.68 -29.65 11.28
CA MET A 245 15.41 -30.33 11.05
C MET A 245 15.22 -31.50 11.98
N SER A 246 16.21 -31.81 12.83
CA SER A 246 16.02 -32.84 13.82
C SER A 246 15.14 -32.36 14.96
N ARG A 247 14.86 -31.07 15.02
CA ARG A 247 13.96 -30.53 16.03
C ARG A 247 13.09 -29.38 15.55
N VAL A 248 12.83 -29.27 14.24
CA VAL A 248 11.96 -28.26 13.65
C VAL A 248 12.62 -26.88 13.75
N ASN A 249 12.37 -26.01 12.78
CA ASN A 249 12.99 -24.69 12.73
C ASN A 249 11.93 -23.61 12.63
N ILE A 250 12.33 -22.40 13.02
CA ILE A 250 11.47 -21.22 12.95
C ILE A 250 12.25 -20.08 12.33
N PRO A 251 11.57 -19.26 11.51
CA PRO A 251 12.23 -18.09 10.93
C PRO A 251 12.78 -17.16 12.02
N ILE A 252 13.98 -16.63 11.77
CA ILE A 252 14.66 -15.80 12.77
C ILE A 252 14.75 -14.33 12.38
N GLY A 253 14.58 -14.00 11.11
CA GLY A 253 14.72 -12.62 10.68
C GLY A 253 14.35 -12.46 9.23
N SER A 254 14.37 -11.20 8.80
CA SER A 254 13.94 -10.85 7.46
C SER A 254 14.92 -9.88 6.82
N PHE A 255 15.02 -9.98 5.51
CA PHE A 255 15.76 -9.04 4.67
C PHE A 255 14.77 -8.25 3.84
N THR A 256 14.89 -6.93 3.88
CA THR A 256 14.11 -6.07 3.00
C THR A 256 14.81 -5.95 1.67
N GLY A 257 14.22 -6.52 0.62
CA GLY A 257 14.76 -6.44 -0.71
C GLY A 257 14.58 -5.07 -1.31
N ALA A 258 14.50 -5.04 -2.64
CA ALA A 258 14.22 -3.78 -3.31
C ALA A 258 12.72 -3.54 -3.37
N PHE A 259 12.26 -2.50 -2.68
CA PHE A 259 10.86 -2.12 -2.77
C PHE A 259 10.63 -1.49 -4.14
N GLU A 260 9.37 -1.39 -4.55
CA GLU A 260 9.05 -1.07 -5.93
C GLU A 260 7.76 -0.25 -6.00
N LEU A 261 7.63 0.55 -7.07
CA LEU A 261 6.41 1.27 -7.36
C LEU A 261 6.13 1.20 -8.85
N THR A 262 4.99 0.63 -9.21
CA THR A 262 4.59 0.49 -10.61
C THR A 262 3.14 0.91 -10.79
N GLY A 263 2.75 1.15 -12.04
CA GLY A 263 1.37 1.53 -12.32
C GLY A 263 0.98 1.20 -13.74
N SER A 264 -0.33 1.11 -13.95
CA SER A 264 -0.91 0.78 -15.23
C SER A 264 -2.20 1.56 -15.42
N LEU A 265 -2.43 2.04 -16.64
CA LEU A 265 -3.57 2.88 -16.97
C LEU A 265 -4.23 2.37 -18.25
N THR A 266 -5.53 2.62 -18.37
CA THR A 266 -6.30 2.25 -19.54
C THR A 266 -7.13 3.44 -20.00
N ALA A 267 -7.41 3.49 -21.29
CA ALA A 267 -8.17 4.60 -21.85
C ALA A 267 -8.74 4.20 -23.21
N TYR A 268 -9.45 5.14 -23.82
CA TYR A 268 -9.86 4.98 -25.20
C TYR A 268 -8.92 5.75 -26.12
N LEU A 269 -8.73 5.22 -27.33
CA LEU A 269 -8.01 5.98 -28.35
C LEU A 269 -8.86 7.15 -28.79
N ASN A 270 -8.47 8.35 -28.39
CA ASN A 270 -9.26 9.55 -28.67
C ASN A 270 -8.56 10.40 -29.70
N ASP A 271 -9.31 10.86 -30.69
CA ASP A 271 -8.78 11.75 -31.73
C ASP A 271 -9.06 13.19 -31.32
N LYS A 272 -8.07 13.83 -30.70
CA LYS A 272 -8.20 15.23 -30.30
C LYS A 272 -6.81 15.83 -30.16
N SER A 273 -6.77 17.17 -30.17
CA SER A 273 -5.51 17.87 -29.97
C SER A 273 -4.92 17.50 -28.62
N LEU A 274 -3.64 17.11 -28.63
CA LEU A 274 -2.96 16.60 -27.44
C LEU A 274 -3.70 15.44 -26.82
N GLY A 275 -4.37 14.63 -27.64
CA GLY A 275 -5.16 13.51 -27.15
C GLY A 275 -4.36 12.23 -27.09
N SER A 276 -5.08 11.14 -26.83
CA SER A 276 -4.44 9.83 -26.70
C SER A 276 -3.81 9.40 -28.02
N MET A 277 -4.43 9.76 -29.14
CA MET A 277 -3.87 9.44 -30.45
C MET A 277 -2.51 10.11 -30.62
N GLU A 278 -2.41 11.39 -30.25
CA GLU A 278 -1.16 12.11 -30.38
C GLU A 278 -0.07 11.49 -29.51
N LEU A 279 -0.42 11.14 -28.26
CA LEU A 279 0.54 10.51 -27.38
C LEU A 279 1.00 9.17 -27.94
N TYR A 280 0.05 8.38 -28.47
CA TYR A 280 0.40 7.09 -29.04
C TYR A 280 1.34 7.25 -30.22
N LYS A 281 1.06 8.20 -31.11
CA LYS A 281 1.94 8.44 -32.24
C LYS A 281 3.33 8.87 -31.79
N ASP A 282 3.39 9.77 -30.80
CA ASP A 282 4.68 10.24 -30.31
C ASP A 282 5.48 9.09 -29.71
N LEU A 283 4.82 8.23 -28.94
CA LEU A 283 5.51 7.13 -28.30
C LEU A 283 6.00 6.12 -29.33
N VAL A 284 5.19 5.85 -30.36
CA VAL A 284 5.60 4.91 -31.39
C VAL A 284 6.78 5.45 -32.18
N ARG A 285 6.73 6.72 -32.55
CA ARG A 285 7.81 7.28 -33.36
C ARG A 285 9.07 7.50 -32.54
N THR A 286 8.93 7.65 -31.23
CA THR A 286 10.07 8.00 -30.39
C THR A 286 11.14 6.92 -30.41
N LEU A 287 10.80 5.72 -29.92
CA LEU A 287 11.71 4.58 -29.91
C LEU A 287 12.98 4.85 -29.10
N LYS A 288 12.97 5.88 -28.26
CA LYS A 288 14.13 6.16 -27.42
C LYS A 288 14.23 5.13 -26.30
N VAL A 289 15.46 4.90 -25.85
CA VAL A 289 15.68 3.92 -24.80
C VAL A 289 15.07 4.40 -23.48
N VAL A 290 15.33 5.64 -23.11
CA VAL A 290 14.86 6.17 -21.83
C VAL A 290 14.24 7.54 -22.03
N ASN A 291 12.91 7.60 -22.02
CA ASN A 291 12.23 8.88 -21.95
C ASN A 291 11.85 9.19 -20.50
N ARG A 292 11.39 10.41 -20.28
CA ARG A 292 11.02 10.85 -18.94
C ARG A 292 9.68 11.57 -19.00
N PHE A 293 8.85 11.33 -17.97
CA PHE A 293 7.52 11.93 -17.93
C PHE A 293 7.13 12.19 -16.49
N GLU A 294 6.19 13.12 -16.32
CA GLU A 294 5.58 13.43 -15.03
C GLU A 294 4.11 13.03 -15.07
N ILE A 295 3.69 12.26 -14.07
CA ILE A 295 2.36 11.64 -14.03
C ILE A 295 1.67 12.08 -12.76
N ALA A 296 0.42 12.53 -12.89
CA ALA A 296 -0.40 12.93 -11.76
C ALA A 296 -1.72 12.19 -11.79
N LEU A 297 -2.04 11.49 -10.70
CA LEU A 297 -3.35 10.87 -10.50
C LEU A 297 -4.07 11.61 -9.38
N ILE A 298 -5.27 12.09 -9.66
CA ILE A 298 -6.09 12.75 -8.65
C ILE A 298 -7.32 11.87 -8.44
N LEU A 299 -7.22 10.99 -7.44
CA LEU A 299 -8.38 10.21 -7.00
C LEU A 299 -9.40 11.13 -6.39
N GLY A 300 -10.65 11.02 -6.86
CA GLY A 300 -11.72 11.91 -6.45
C GLY A 300 -11.82 13.18 -7.26
N GLY A 301 -10.91 13.41 -8.20
CA GLY A 301 -10.94 14.61 -8.98
C GLY A 301 -10.52 15.83 -8.16
N GLU A 302 -10.64 16.99 -8.80
CA GLU A 302 -10.26 18.24 -8.17
C GLU A 302 -11.34 19.28 -8.45
N TYR A 303 -11.41 20.27 -7.57
CA TYR A 303 -12.33 21.38 -7.73
C TYR A 303 -11.66 22.64 -7.20
N ASP A 304 -12.16 23.78 -7.65
CA ASP A 304 -11.72 25.05 -7.08
C ASP A 304 -12.11 25.16 -5.61
N ASP A 305 -13.21 24.53 -5.23
CA ASP A 305 -13.62 24.49 -3.83
C ASP A 305 -12.87 23.39 -3.08
N GLU A 306 -13.13 23.30 -1.79
CA GLU A 306 -12.54 22.26 -0.95
C GLU A 306 -13.34 20.98 -1.09
N ARG A 307 -12.69 19.91 -1.54
CA ARG A 307 -13.34 18.62 -1.76
C ARG A 307 -12.38 17.53 -1.33
N PRO A 308 -12.91 16.35 -0.97
CA PRO A 308 -12.03 15.23 -0.59
C PRO A 308 -11.33 14.64 -1.82
N ALA A 309 -10.04 14.35 -1.67
CA ALA A 309 -9.26 13.82 -2.79
C ALA A 309 -7.98 13.18 -2.27
N ALA A 310 -7.36 12.41 -3.16
CA ALA A 310 -6.03 11.84 -2.94
C ALA A 310 -5.22 12.05 -4.21
N VAL A 311 -3.90 12.14 -4.06
CA VAL A 311 -3.02 12.48 -5.17
C VAL A 311 -1.80 11.57 -5.18
N LEU A 312 -1.52 10.99 -6.34
CA LEU A 312 -0.31 10.24 -6.60
C LEU A 312 0.54 10.99 -7.62
N VAL A 313 1.82 11.20 -7.29
CA VAL A 313 2.72 12.02 -8.08
C VAL A 313 3.93 11.17 -8.49
N ALA A 314 4.26 11.21 -9.77
CA ALA A 314 5.47 10.61 -10.31
C ALA A 314 6.25 11.67 -11.05
N LYS A 315 7.40 12.07 -10.49
CA LYS A 315 8.22 13.14 -11.04
C LYS A 315 9.10 12.69 -12.20
N GLN A 316 9.39 11.39 -12.30
CA GLN A 316 10.36 10.90 -13.29
C GLN A 316 9.95 9.61 -13.97
N ALA A 317 8.67 9.22 -13.94
CA ALA A 317 8.24 7.93 -14.44
C ALA A 317 8.56 7.76 -15.92
N HIS A 318 9.13 6.60 -16.25
CA HIS A 318 9.37 6.25 -17.66
C HIS A 318 8.22 5.41 -18.18
N VAL A 319 7.76 5.74 -19.38
CA VAL A 319 6.55 5.16 -19.95
C VAL A 319 6.95 4.09 -20.95
N ASN A 320 6.32 2.91 -20.84
CA ASN A 320 6.55 1.85 -21.80
C ASN A 320 5.71 2.07 -23.05
N ILE A 321 5.95 1.22 -24.05
CA ILE A 321 5.21 1.33 -25.31
C ILE A 321 3.77 0.87 -25.09
N PRO A 322 2.78 1.69 -25.43
CA PRO A 322 1.39 1.31 -25.13
C PRO A 322 0.90 0.23 -26.09
N THR A 323 -0.20 -0.40 -25.69
CA THR A 323 -0.78 -1.50 -26.46
C THR A 323 -2.24 -1.22 -26.76
N ILE A 324 -2.72 -1.82 -27.84
CA ILE A 324 -4.10 -1.67 -28.29
C ILE A 324 -4.78 -3.01 -28.20
N GLU A 325 -5.99 -3.01 -27.61
CA GLU A 325 -6.74 -4.24 -27.39
C GLU A 325 -7.93 -4.30 -28.33
N THR A 326 -8.56 -5.47 -28.38
CA THR A 326 -9.73 -5.67 -29.23
C THR A 326 -11.04 -5.46 -28.48
N ASP A 327 -11.06 -4.59 -27.48
CA ASP A 327 -12.29 -4.32 -26.75
C ASP A 327 -13.32 -3.67 -27.68
N ASP A 328 -14.52 -3.46 -27.14
CA ASP A 328 -15.62 -2.98 -27.94
C ASP A 328 -15.29 -1.64 -28.60
N VAL A 329 -14.67 -0.70 -27.87
CA VAL A 329 -14.20 0.53 -28.50
C VAL A 329 -12.72 0.75 -28.20
N LEU A 330 -11.86 0.15 -29.03
CA LEU A 330 -10.44 0.52 -29.17
C LEU A 330 -9.78 0.86 -27.83
N GLY A 331 -9.79 -0.08 -26.90
CA GLY A 331 -9.11 0.13 -25.64
C GLY A 331 -7.61 0.21 -25.83
N THR A 332 -6.97 1.06 -25.03
CA THR A 332 -5.52 1.22 -25.06
C THR A 332 -4.99 1.16 -23.64
N SER A 333 -3.78 0.61 -23.49
CA SER A 333 -3.19 0.37 -22.19
C SER A 333 -1.77 0.90 -22.17
N VAL A 334 -1.38 1.43 -20.99
CA VAL A 334 -0.08 2.03 -20.77
C VAL A 334 0.46 1.53 -19.44
N GLU A 335 1.76 1.24 -19.39
CA GLU A 335 2.42 0.78 -18.17
C GLU A 335 3.59 1.69 -17.85
N PHE A 336 3.76 1.99 -16.57
CA PHE A 336 4.81 2.91 -16.15
C PHE A 336 5.43 2.46 -14.84
N LYS A 337 6.66 2.91 -14.61
CA LYS A 337 7.44 2.54 -13.44
C LYS A 337 8.01 3.81 -12.82
N ALA A 338 8.31 3.75 -11.53
CA ALA A 338 9.03 4.83 -10.87
C ALA A 338 10.53 4.68 -11.10
N ILE A 339 11.18 5.80 -11.40
CA ILE A 339 12.63 5.82 -11.59
C ILE A 339 13.23 6.99 -10.84
N PRO A 340 14.12 6.75 -9.87
CA PRO A 340 14.78 7.85 -9.18
C PRO A 340 15.86 8.46 -10.06
N THR A 341 16.17 9.72 -9.78
CA THR A 341 17.28 10.39 -10.44
C THR A 341 18.58 9.85 -9.84
N ASP A 342 19.28 9.07 -10.65
CA ASP A 342 20.49 8.36 -10.23
C ASP A 342 20.17 7.30 -9.19
N LEU A 343 21.19 6.52 -8.80
CA LEU A 343 20.95 5.30 -8.05
C LEU A 343 20.36 5.56 -6.66
N ASP A 344 20.99 6.43 -5.88
CA ASP A 344 20.75 6.48 -4.44
C ASP A 344 19.72 7.52 -4.01
N THR A 345 19.25 8.38 -4.91
CA THR A 345 18.39 9.47 -4.49
C THR A 345 16.96 8.97 -4.26
N GLY A 346 16.12 9.89 -3.76
CA GLY A 346 14.75 9.57 -3.46
C GLY A 346 13.90 9.26 -4.69
N ASP A 347 12.89 8.41 -4.51
CA ASP A 347 12.00 8.01 -5.58
C ASP A 347 10.87 9.04 -5.71
N GLU A 348 9.80 8.68 -6.41
CA GLU A 348 8.69 9.61 -6.60
C GLU A 348 8.11 10.05 -5.26
N GLY A 349 7.81 9.11 -4.38
CA GLY A 349 7.51 9.42 -3.00
C GLY A 349 6.18 10.09 -2.74
N TYR A 350 5.93 11.22 -3.39
CA TYR A 350 4.84 12.12 -3.00
C TYR A 350 3.49 11.42 -3.09
N LEU A 351 2.90 11.13 -1.94
CA LEU A 351 1.52 10.71 -1.83
C LEU A 351 0.77 11.72 -0.96
N GLY A 352 -0.41 12.13 -1.41
CA GLY A 352 -1.14 13.14 -0.67
C GLY A 352 -2.59 12.72 -0.47
N PHE A 353 -3.12 13.09 0.69
CA PHE A 353 -4.50 12.76 1.02
C PHE A 353 -5.10 13.92 1.79
N SER A 354 -6.35 14.27 1.47
CA SER A 354 -7.07 15.21 2.32
C SER A 354 -8.55 15.21 1.97
N ASN A 355 -9.33 15.90 2.80
CA ASN A 355 -10.75 16.10 2.53
C ASN A 355 -11.05 17.46 1.93
N LYS A 356 -10.04 18.31 1.71
CA LYS A 356 -10.31 19.68 1.27
C LYS A 356 -9.32 20.19 0.23
N TYR A 357 -8.77 19.33 -0.62
CA TYR A 357 -7.93 19.79 -1.72
C TYR A 357 -8.67 20.75 -2.64
N THR A 358 -7.94 21.77 -3.09
CA THR A 358 -8.35 22.64 -4.16
C THR A 358 -7.30 22.61 -5.25
N LYS A 359 -7.69 23.03 -6.45
CA LYS A 359 -6.80 22.92 -7.61
C LYS A 359 -5.51 23.70 -7.39
N THR A 360 -5.61 24.89 -6.79
CA THR A 360 -4.42 25.66 -6.47
C THR A 360 -3.52 24.92 -5.50
N THR A 361 -4.12 24.31 -4.48
CA THR A 361 -3.34 23.49 -3.55
C THR A 361 -2.77 22.27 -4.26
N VAL A 362 -3.52 21.72 -5.23
CA VAL A 362 -3.03 20.57 -5.98
C VAL A 362 -1.78 20.93 -6.76
N ALA A 363 -1.74 22.13 -7.34
CA ALA A 363 -0.54 22.56 -8.07
C ALA A 363 0.67 22.59 -7.16
N ASN A 364 0.52 23.16 -5.96
CA ASN A 364 1.63 23.21 -5.01
C ASN A 364 2.04 21.82 -4.58
N LEU A 365 1.06 20.94 -4.36
CA LEU A 365 1.36 19.57 -3.96
C LEU A 365 2.16 18.84 -5.03
N ILE A 366 1.79 19.06 -6.30
CA ILE A 366 2.54 18.48 -7.40
C ILE A 366 3.95 19.05 -7.44
N ALA A 367 4.07 20.36 -7.27
CA ALA A 367 5.37 21.01 -7.40
C ALA A 367 6.35 20.58 -6.32
N THR A 368 5.89 20.49 -5.06
CA THR A 368 6.81 20.26 -3.95
C THR A 368 6.51 19.04 -3.11
N GLY A 369 5.38 18.36 -3.31
CA GLY A 369 4.97 17.34 -2.37
C GLY A 369 4.20 17.86 -1.18
N ASP A 370 3.94 19.16 -1.12
CA ASP A 370 3.12 19.75 -0.07
C ASP A 370 2.39 20.95 -0.64
N GLY A 371 1.05 20.87 -0.64
CA GLY A 371 0.26 21.92 -1.24
C GLY A 371 -0.13 23.04 -0.30
N ALA A 372 0.32 22.99 0.95
CA ALA A 372 -0.07 23.98 1.94
C ALA A 372 0.76 25.26 1.85
N GLU A 373 2.07 25.16 2.00
CA GLU A 373 2.95 26.30 1.99
C GLU A 373 3.15 26.81 0.57
N THR A 374 3.80 27.97 0.46
CA THR A 374 4.06 28.57 -0.83
C THR A 374 5.14 27.79 -1.57
N PRO A 375 4.87 27.25 -2.75
CA PRO A 375 5.90 26.55 -3.50
C PRO A 375 6.87 27.52 -4.15
N PRO A 376 8.08 27.08 -4.48
CA PRO A 376 9.00 27.95 -5.23
C PRO A 376 8.69 27.92 -6.71
#